data_4RK5
#
_entry.id   4RK5
#
_cell.length_a   108.754
_cell.length_b   108.754
_cell.length_c   125.763
_cell.angle_alpha   90.00
_cell.angle_beta   90.00
_cell.angle_gamma   120.00
#
_symmetry.space_group_name_H-M   'H 3 2'
#
loop_
_entity.id
_entity.type
_entity.pdbx_description
1 polymer 'Transcriptional regulator, LacI family'
2 branched beta-D-fructofuranose-(2-1)-alpha-D-glucopyranose
3 non-polymer 'SODIUM ION'
4 non-polymer 'ACETATE ION'
5 water water
#
_entity_poly.entity_id   1
_entity_poly.type   'polypeptide(L)'
_entity_poly.pdbx_seq_one_letter_code
;QS(MSE)LRAQATGNIGVLVSRVTNPFFAGLFDAIERELHAHGYQV(MSE)ITQTYDDPEAEERFLKQLKSRELDGVILA
SVEAPDRV(MSE)AVAKAFPGRVVVVNADVQIPGATSLVLPHYQATRDALDYLFNQGHRRFAYVSGGTISGAHHGQSRTQ
AFLDF(MSE)QAHQLLVAQDLLFGQIHTAKEGQAVGKQLASLAPNVRPDAVFTNSDEVAVGVIDSLLAADVKVPDDIAV
(MSE)GYDDQPFAPFAKIPLTTVHQPVAS(MSE)AAAATHELLKGLGRQVAQDTQPTLHLSLKIRQSA
;
_entity_poly.pdbx_strand_id   A
#
# COMPACT_ATOMS: atom_id res chain seq x y z
N THR A 9 -7.46 24.35 18.07
CA THR A 9 -7.53 23.11 17.25
C THR A 9 -8.33 23.38 15.98
N GLY A 10 -7.57 23.48 14.88
CA GLY A 10 -7.94 23.99 13.58
C GLY A 10 -8.18 22.93 12.47
N ASN A 11 -7.55 23.19 11.31
CA ASN A 11 -7.77 22.35 10.12
C ASN A 11 -6.54 21.51 9.83
N ILE A 12 -6.75 20.21 9.58
CA ILE A 12 -5.67 19.31 9.21
C ILE A 12 -6.01 18.74 7.86
N GLY A 13 -4.99 18.62 6.98
CA GLY A 13 -5.17 17.96 5.69
C GLY A 13 -4.50 16.60 5.66
N VAL A 14 -5.15 15.67 4.94
CA VAL A 14 -4.57 14.40 4.65
C VAL A 14 -4.45 14.22 3.14
N LEU A 15 -3.30 13.74 2.70
CA LEU A 15 -3.05 13.55 1.27
C LEU A 15 -2.82 12.09 0.99
N VAL A 16 -3.54 11.58 -0.02
CA VAL A 16 -3.42 10.23 -0.48
C VAL A 16 -3.43 10.20 -2.03
N SER A 17 -3.02 9.12 -2.65
CA SER A 17 -3.17 9.03 -4.09
C SER A 17 -4.62 8.87 -4.60
N ARG A 18 -5.46 8.11 -3.90
CA ARG A 18 -6.81 7.78 -4.41
C ARG A 18 -7.72 7.40 -3.26
N VAL A 19 -8.81 8.13 -3.08
CA VAL A 19 -9.76 7.88 -2.02
C VAL A 19 -10.60 6.61 -2.25
N THR A 20 -10.80 6.19 -3.49
CA THR A 20 -11.54 4.96 -3.75
C THR A 20 -10.68 3.71 -3.49
N ASN A 21 -9.43 3.88 -3.08
CA ASN A 21 -8.66 2.75 -2.56
C ASN A 21 -9.11 2.55 -1.11
N PRO A 22 -9.77 1.40 -0.77
CA PRO A 22 -10.29 1.26 0.58
C PRO A 22 -9.22 1.34 1.67
N PHE A 23 -7.98 1.01 1.35
CA PHE A 23 -6.91 1.19 2.31
C PHE A 23 -6.81 2.68 2.72
N PHE A 24 -6.80 3.56 1.72
CA PHE A 24 -6.68 4.98 2.05
C PHE A 24 -7.96 5.50 2.71
N ALA A 25 -9.12 5.06 2.28
CA ALA A 25 -10.35 5.52 2.94
C ALA A 25 -10.33 5.13 4.41
N GLY A 26 -9.91 3.88 4.69
CA GLY A 26 -9.87 3.40 6.06
C GLY A 26 -8.81 4.12 6.90
N LEU A 27 -7.64 4.37 6.33
CA LEU A 27 -6.61 5.12 7.04
C LEU A 27 -7.08 6.52 7.36
N PHE A 28 -7.70 7.19 6.38
CA PHE A 28 -8.28 8.50 6.62
C PHE A 28 -9.30 8.46 7.78
N ASP A 29 -10.19 7.47 7.73
CA ASP A 29 -11.28 7.41 8.70
C ASP A 29 -10.67 7.30 10.12
N ALA A 30 -9.69 6.44 10.28
CA ALA A 30 -9.10 6.26 11.62
C ALA A 30 -8.40 7.52 12.07
N ILE A 31 -7.67 8.17 11.19
CA ILE A 31 -7.02 9.47 11.55
C ILE A 31 -8.06 10.51 11.90
N GLU A 32 -9.08 10.63 11.02
CA GLU A 32 -10.05 11.68 11.18
C GLU A 32 -10.83 11.53 12.52
N ARG A 33 -11.23 10.30 12.87
CA ARG A 33 -12.01 10.14 14.10
C ARG A 33 -11.18 10.55 15.32
N GLU A 34 -9.88 10.23 15.33
CA GLU A 34 -9.05 10.66 16.45
C GLU A 34 -8.82 12.16 16.49
N LEU A 35 -8.47 12.74 15.34
CA LEU A 35 -8.25 14.15 15.30
C LEU A 35 -9.53 14.93 15.61
N HIS A 36 -10.68 14.43 15.16
CA HIS A 36 -11.94 15.03 15.44
C HIS A 36 -12.19 15.07 16.96
N ALA A 37 -11.87 13.98 17.62
CA ALA A 37 -12.01 13.91 19.10
C ALA A 37 -11.17 14.99 19.80
N HIS A 38 -10.04 15.38 19.21
CA HIS A 38 -9.18 16.42 19.67
C HIS A 38 -9.53 17.82 19.22
N GLY A 39 -10.65 17.92 18.53
CA GLY A 39 -11.15 19.22 18.16
C GLY A 39 -10.80 19.73 16.76
N TYR A 40 -10.13 18.91 15.95
CA TYR A 40 -9.76 19.33 14.62
C TYR A 40 -10.77 18.95 13.57
N GLN A 41 -10.78 19.76 12.50
CA GLN A 41 -11.53 19.46 11.28
C GLN A 41 -10.50 18.92 10.26
N VAL A 42 -10.81 17.75 9.68
CA VAL A 42 -9.86 17.09 8.81
C VAL A 42 -10.48 16.95 7.44
N ILE A 44 -9.51 15.55 3.32
CA ILE A 44 -8.62 14.71 2.47
C ILE A 44 -8.70 15.15 1.04
N THR A 45 -7.55 15.10 0.36
CA THR A 45 -7.37 15.35 -1.06
C THR A 45 -6.65 14.16 -1.66
N GLN A 46 -6.93 13.91 -2.93
CA GLN A 46 -6.24 12.86 -3.66
C GLN A 46 -5.38 13.43 -4.80
N THR A 47 -4.27 12.76 -5.05
CA THR A 47 -3.30 13.27 -6.04
C THR A 47 -3.33 12.55 -7.40
N TYR A 48 -3.77 11.31 -7.43
CA TYR A 48 -3.57 10.48 -8.61
C TYR A 48 -2.13 10.50 -9.10
N ASP A 49 -1.23 10.57 -8.14
CA ASP A 49 0.26 10.55 -8.41
C ASP A 49 0.79 11.78 -9.15
N ASP A 50 0.04 12.84 -9.11
CA ASP A 50 0.47 14.06 -9.77
C ASP A 50 1.23 14.92 -8.79
N PRO A 51 2.53 15.12 -9.04
CA PRO A 51 3.26 16.01 -8.14
C PRO A 51 2.73 17.40 -7.99
N GLU A 52 2.10 17.91 -9.05
CA GLU A 52 1.46 19.21 -9.01
C GLU A 52 0.35 19.27 -7.94
N ALA A 53 -0.41 18.19 -7.85
CA ALA A 53 -1.48 18.12 -6.87
C ALA A 53 -0.93 18.10 -5.44
N GLU A 54 0.19 17.39 -5.26
CA GLU A 54 0.88 17.42 -3.98
C GLU A 54 1.34 18.83 -3.62
N GLU A 55 1.98 19.50 -4.60
CA GLU A 55 2.50 20.84 -4.38
CA GLU A 55 2.46 20.86 -4.45
C GLU A 55 1.32 21.79 -4.03
N ARG A 56 0.21 21.68 -4.77
CA ARG A 56 -0.93 22.56 -4.50
C ARG A 56 -1.47 22.36 -3.09
N PHE A 57 -1.57 21.10 -2.66
CA PHE A 57 -2.04 20.76 -1.33
C PHE A 57 -1.13 21.41 -0.26
N LEU A 58 0.19 21.27 -0.47
CA LEU A 58 1.16 21.81 0.46
C LEU A 58 1.10 23.33 0.55
N LYS A 59 0.68 23.99 -0.52
CA LYS A 59 0.48 25.44 -0.46
C LYS A 59 -0.53 25.82 0.59
N GLN A 60 -1.46 24.92 0.88
CA GLN A 60 -2.40 25.21 1.95
CA GLN A 60 -2.43 25.27 1.97
C GLN A 60 -1.79 25.34 3.36
N LEU A 61 -0.74 24.51 3.54
CA LEU A 61 0.00 24.62 4.77
C LEU A 61 0.89 25.87 4.73
N LYS A 62 1.51 26.11 3.56
CA LYS A 62 2.42 27.28 3.43
C LYS A 62 1.72 28.62 3.66
N SER A 63 0.41 28.66 3.26
CA SER A 63 -0.41 29.85 3.46
CA SER A 63 -0.53 29.79 3.46
C SER A 63 -1.20 29.83 4.81
N ARG A 64 -0.93 28.81 5.64
CA ARG A 64 -1.54 28.67 6.98
C ARG A 64 -3.08 28.55 7.00
N GLU A 65 -3.63 28.11 5.87
CA GLU A 65 -4.99 27.57 5.80
C GLU A 65 -5.15 26.27 6.62
N LEU A 66 -4.09 25.47 6.67
CA LEU A 66 -4.01 24.31 7.48
C LEU A 66 -3.02 24.47 8.61
N ASP A 67 -3.32 23.92 9.77
CA ASP A 67 -2.37 23.74 10.87
C ASP A 67 -1.29 22.69 10.63
N GLY A 68 -1.66 21.62 9.93
CA GLY A 68 -0.77 20.51 9.76
C GLY A 68 -1.29 19.59 8.68
N VAL A 69 -0.40 18.66 8.23
CA VAL A 69 -0.73 17.71 7.19
C VAL A 69 -0.13 16.34 7.49
N ILE A 70 -0.91 15.31 7.11
CA ILE A 70 -0.42 13.94 7.12
C ILE A 70 -0.44 13.47 5.64
N LEU A 71 0.71 13.03 5.17
CA LEU A 71 0.83 12.49 3.82
C LEU A 71 0.97 10.98 3.94
N ALA A 72 0.07 10.24 3.29
CA ALA A 72 0.18 8.80 3.23
C ALA A 72 0.69 8.31 1.88
N SER A 73 1.02 9.26 0.99
CA SER A 73 1.73 9.03 -0.23
C SER A 73 2.54 10.27 -0.51
N VAL A 74 3.67 10.06 -1.22
CA VAL A 74 4.58 11.12 -1.50
C VAL A 74 5.04 11.02 -2.95
N GLU A 75 4.98 12.13 -3.67
CA GLU A 75 5.40 12.17 -5.07
C GLU A 75 6.78 12.76 -5.27
N ALA A 76 7.03 13.88 -4.55
CA ALA A 76 8.29 14.61 -4.69
C ALA A 76 8.92 14.82 -3.32
N PRO A 77 9.71 13.85 -2.86
CA PRO A 77 10.27 13.94 -1.51
C PRO A 77 10.98 15.26 -1.22
N ASP A 78 11.74 15.75 -2.18
CA ASP A 78 12.52 16.97 -1.92
C ASP A 78 11.61 18.20 -1.71
N ARG A 79 10.46 18.20 -2.38
CA ARG A 79 9.46 19.29 -2.20
C ARG A 79 8.81 19.22 -0.83
N VAL A 80 8.44 17.99 -0.43
CA VAL A 80 7.87 17.76 0.89
C VAL A 80 8.91 18.14 1.98
N ALA A 82 11.28 20.40 1.81
CA ALA A 82 11.44 21.84 1.95
C ALA A 82 10.27 22.44 2.77
N VAL A 83 9.07 21.95 2.53
CA VAL A 83 7.92 22.40 3.31
C VAL A 83 8.06 22.00 4.77
N ALA A 84 8.43 20.74 5.01
CA ALA A 84 8.57 20.29 6.40
C ALA A 84 9.60 21.10 7.17
N LYS A 85 10.72 21.42 6.52
CA LYS A 85 11.76 22.19 7.20
C LYS A 85 11.26 23.61 7.55
N ALA A 86 10.44 24.19 6.66
CA ALA A 86 9.92 25.52 6.90
C ALA A 86 8.80 25.52 7.95
N PHE A 87 8.17 24.35 8.12
CA PHE A 87 6.99 24.20 9.01
C PHE A 87 7.25 23.05 9.98
N PRO A 88 8.23 23.21 10.86
CA PRO A 88 8.55 22.13 11.77
C PRO A 88 7.35 21.72 12.65
N GLY A 89 7.20 20.42 12.84
CA GLY A 89 6.11 19.85 13.64
C GLY A 89 4.82 19.66 12.90
N ARG A 90 4.70 20.22 11.70
CA ARG A 90 3.40 20.31 11.02
C ARG A 90 3.25 19.35 9.84
N VAL A 91 4.30 18.59 9.48
CA VAL A 91 4.19 17.64 8.35
C VAL A 91 4.57 16.27 8.91
N VAL A 92 3.65 15.30 8.78
CA VAL A 92 3.91 13.94 9.13
C VAL A 92 3.68 13.07 7.89
N VAL A 93 4.59 12.11 7.71
CA VAL A 93 4.54 11.19 6.58
C VAL A 93 4.29 9.79 7.16
N VAL A 94 3.30 9.07 6.63
CA VAL A 94 2.99 7.72 7.15
C VAL A 94 2.88 6.72 6.00
N ASN A 95 3.69 5.66 6.13
CA ASN A 95 3.56 4.48 5.26
C ASN A 95 3.78 4.77 3.77
N ALA A 96 4.75 5.68 3.48
CA ALA A 96 5.08 6.06 2.14
C ALA A 96 6.43 5.52 1.70
N ASP A 97 7.00 4.61 2.52
CA ASP A 97 8.30 3.98 2.21
C ASP A 97 9.45 5.01 2.00
N VAL A 98 9.32 6.12 2.71
CA VAL A 98 10.31 7.18 2.66
C VAL A 98 10.38 7.91 4.02
N GLN A 99 11.59 8.31 4.39
CA GLN A 99 11.88 9.17 5.52
C GLN A 99 12.17 10.55 4.93
N ILE A 100 11.36 11.54 5.31
CA ILE A 100 11.49 12.88 4.76
C ILE A 100 12.15 13.77 5.88
N PRO A 101 13.37 14.28 5.62
CA PRO A 101 13.99 15.12 6.66
C PRO A 101 13.13 16.32 6.98
N GLY A 102 12.96 16.57 8.26
CA GLY A 102 12.12 17.70 8.77
C GLY A 102 10.68 17.27 9.07
N ALA A 103 10.30 16.06 8.66
CA ALA A 103 8.93 15.52 8.94
C ALA A 103 9.06 14.20 9.68
N THR A 104 8.34 14.06 10.77
CA THR A 104 8.30 12.75 11.37
C THR A 104 7.71 11.80 10.33
N SER A 105 8.45 10.71 10.11
CA SER A 105 8.16 9.77 9.03
C SER A 105 8.08 8.35 9.56
N LEU A 106 6.94 7.72 9.34
CA LEU A 106 6.69 6.35 9.78
C LEU A 106 6.77 5.44 8.56
N VAL A 107 7.67 4.45 8.66
CA VAL A 107 7.89 3.47 7.58
C VAL A 107 7.57 2.10 8.12
N LEU A 108 6.85 1.32 7.31
CA LEU A 108 6.52 -0.06 7.64
C LEU A 108 7.36 -0.99 6.74
N PRO A 109 7.56 -2.21 7.22
CA PRO A 109 8.60 -3.06 6.54
C PRO A 109 7.99 -3.91 5.41
N HIS A 110 7.60 -3.21 4.37
CA HIS A 110 7.01 -3.85 3.23
C HIS A 110 7.92 -4.81 2.47
N TYR A 111 9.21 -4.49 2.41
CA TYR A 111 10.15 -5.46 1.82
C TYR A 111 10.04 -6.81 2.55
N GLN A 112 10.16 -6.76 3.87
CA GLN A 112 10.05 -7.99 4.67
C GLN A 112 8.74 -8.71 4.47
N ALA A 113 7.66 -7.95 4.47
CA ALA A 113 6.36 -8.59 4.37
C ALA A 113 6.22 -9.25 3.00
N THR A 114 6.69 -8.57 1.97
CA THR A 114 6.63 -9.10 0.64
C THR A 114 7.46 -10.38 0.49
N ARG A 115 8.70 -10.33 0.98
CA ARG A 115 9.53 -11.55 1.00
C ARG A 115 8.82 -12.71 1.72
N ASP A 116 8.24 -12.41 2.87
CA ASP A 116 7.54 -13.41 3.68
C ASP A 116 6.34 -14.00 2.93
N ALA A 117 5.58 -13.13 2.29
CA ALA A 117 4.43 -13.61 1.51
C ALA A 117 4.87 -14.47 0.33
N LEU A 118 5.92 -14.04 -0.36
CA LEU A 118 6.42 -14.83 -1.48
C LEU A 118 6.97 -16.19 -0.99
N ASP A 119 7.65 -16.09 0.14
CA ASP A 119 8.07 -17.37 0.72
CA ASP A 119 8.07 -17.36 0.79
C ASP A 119 6.99 -18.53 1.14
N TYR A 120 5.92 -17.86 1.62
CA TYR A 120 4.72 -18.62 1.90
C TYR A 120 4.33 -19.32 0.59
N LEU A 121 4.25 -18.55 -0.51
CA LEU A 121 3.80 -19.10 -1.78
C LEU A 121 4.77 -20.18 -2.30
N PHE A 122 6.05 -19.89 -2.27
CA PHE A 122 7.05 -20.87 -2.67
C PHE A 122 6.84 -22.17 -1.87
N ASN A 123 6.60 -21.99 -0.59
CA ASN A 123 6.42 -23.17 0.31
C ASN A 123 5.16 -24.02 0.08
N GLN A 124 4.16 -23.42 -0.55
CA GLN A 124 2.95 -24.13 -1.00
CA GLN A 124 2.97 -24.11 -1.04
C GLN A 124 3.21 -24.87 -2.33
N GLY A 125 4.41 -24.75 -2.87
CA GLY A 125 4.81 -25.41 -4.12
C GLY A 125 4.84 -24.56 -5.37
N HIS A 126 4.52 -23.27 -5.25
CA HIS A 126 4.40 -22.45 -6.46
C HIS A 126 5.80 -22.10 -6.98
N ARG A 127 5.92 -22.09 -8.32
CA ARG A 127 7.23 -21.85 -8.98
C ARG A 127 7.19 -20.81 -10.08
N ARG A 128 6.04 -20.69 -10.76
CA ARG A 128 5.86 -19.73 -11.86
CA ARG A 128 5.87 -19.72 -11.84
C ARG A 128 5.01 -18.59 -11.30
N PHE A 129 5.59 -17.42 -11.21
CA PHE A 129 4.97 -16.27 -10.55
C PHE A 129 4.62 -15.16 -11.51
N ALA A 130 3.43 -14.63 -11.36
CA ALA A 130 3.07 -13.34 -11.92
C ALA A 130 3.15 -12.28 -10.83
N TYR A 131 3.62 -11.11 -11.20
CA TYR A 131 3.83 -9.99 -10.29
C TYR A 131 3.13 -8.80 -10.88
N VAL A 132 2.25 -8.18 -10.09
CA VAL A 132 1.50 -7.01 -10.47
C VAL A 132 1.93 -5.85 -9.57
N SER A 133 2.05 -4.66 -10.12
CA SER A 133 2.42 -3.50 -9.43
C SER A 133 1.53 -2.34 -9.88
N GLY A 134 1.30 -1.39 -8.96
CA GLY A 134 0.69 -0.15 -9.32
C GLY A 134 1.61 0.82 -10.01
N GLY A 135 2.89 0.54 -10.02
CA GLY A 135 3.87 1.36 -10.70
C GLY A 135 4.34 0.74 -11.99
N THR A 136 5.28 1.46 -12.60
CA THR A 136 5.93 1.04 -13.82
C THR A 136 7.18 0.38 -13.28
N ILE A 137 7.17 -0.93 -13.44
CA ILE A 137 8.10 -1.88 -12.76
C ILE A 137 9.54 -1.64 -13.20
N SER A 138 9.69 -1.25 -14.47
CA SER A 138 11.02 -0.98 -15.07
C SER A 138 11.71 0.28 -14.52
N GLY A 139 10.93 1.32 -14.23
CA GLY A 139 11.46 2.60 -13.71
C GLY A 139 11.32 2.75 -12.20
N ALA A 140 11.72 3.90 -11.68
CA ALA A 140 11.45 4.23 -10.24
C ALA A 140 9.94 4.21 -10.04
N HIS A 141 9.45 3.72 -8.90
CA HIS A 141 7.99 3.67 -8.71
C HIS A 141 7.55 3.55 -7.27
N HIS A 142 6.33 4.02 -7.01
CA HIS A 142 5.74 3.61 -5.74
CA HIS A 142 5.65 3.67 -5.76
C HIS A 142 5.59 2.13 -5.61
N GLY A 143 5.89 1.70 -4.40
CA GLY A 143 5.87 0.24 -4.07
C GLY A 143 7.13 -0.46 -4.57
N GLN A 144 8.19 0.30 -4.88
CA GLN A 144 9.47 -0.33 -5.29
C GLN A 144 10.24 -1.22 -4.17
N SER A 145 10.01 -1.01 -2.86
CA SER A 145 10.51 -1.93 -1.81
CA SER A 145 10.47 -1.94 -1.81
C SER A 145 9.93 -3.33 -2.12
N ARG A 146 8.69 -3.36 -2.53
CA ARG A 146 8.01 -4.61 -2.84
C ARG A 146 8.54 -5.27 -4.13
N THR A 147 8.80 -4.44 -5.14
CA THR A 147 9.36 -4.93 -6.38
C THR A 147 10.77 -5.51 -6.12
N GLN A 148 11.55 -4.82 -5.29
CA GLN A 148 12.89 -5.32 -4.98
C GLN A 148 12.79 -6.65 -4.23
N ALA A 149 11.83 -6.72 -3.31
CA ALA A 149 11.61 -7.95 -2.58
C ALA A 149 11.30 -9.11 -3.55
N PHE A 150 10.43 -8.84 -4.53
CA PHE A 150 10.07 -9.82 -5.52
C PHE A 150 11.34 -10.27 -6.29
N LEU A 151 12.09 -9.31 -6.80
CA LEU A 151 13.25 -9.67 -7.60
C LEU A 151 14.23 -10.49 -6.73
N ASP A 152 14.42 -10.03 -5.50
CA ASP A 152 15.34 -10.75 -4.57
C ASP A 152 14.89 -12.16 -4.27
N PHE A 153 13.60 -12.31 -4.09
CA PHE A 153 13.00 -13.61 -3.88
C PHE A 153 13.30 -14.56 -5.05
N GLN A 155 15.58 -14.35 -7.35
CA GLN A 155 17.02 -14.62 -7.44
C GLN A 155 17.41 -15.66 -6.40
N ALA A 156 16.90 -15.52 -5.18
CA ALA A 156 17.22 -16.44 -4.04
C ALA A 156 16.82 -17.90 -4.30
N HIS A 157 15.81 -18.07 -5.14
CA HIS A 157 15.31 -19.41 -5.55
CA HIS A 157 15.30 -19.41 -5.51
C HIS A 157 15.68 -19.82 -6.96
N GLN A 158 16.55 -19.03 -7.57
CA GLN A 158 16.98 -19.24 -8.94
CA GLN A 158 16.96 -19.24 -8.94
C GLN A 158 15.79 -19.46 -9.90
N LEU A 159 14.75 -18.64 -9.72
CA LEU A 159 13.57 -18.63 -10.58
C LEU A 159 13.70 -17.54 -11.66
N LEU A 160 13.50 -17.93 -12.89
CA LEU A 160 13.66 -16.99 -13.99
C LEU A 160 12.42 -16.11 -13.96
N VAL A 161 12.66 -14.82 -14.00
CA VAL A 161 11.50 -13.89 -14.10
C VAL A 161 10.92 -13.94 -15.53
N ALA A 162 9.64 -14.27 -15.61
CA ALA A 162 8.89 -14.24 -16.90
C ALA A 162 8.35 -12.84 -17.17
N GLN A 163 8.89 -12.15 -18.13
CA GLN A 163 8.52 -10.74 -18.37
C GLN A 163 7.04 -10.63 -18.77
N ASP A 164 6.54 -11.67 -19.43
CA ASP A 164 5.15 -11.74 -19.87
C ASP A 164 4.15 -11.87 -18.67
N LEU A 165 4.67 -12.18 -17.50
CA LEU A 165 3.83 -12.29 -16.27
C LEU A 165 4.05 -11.13 -15.34
N LEU A 166 4.62 -10.03 -15.81
CA LEU A 166 4.75 -8.81 -15.08
C LEU A 166 3.73 -7.81 -15.63
N PHE A 167 3.00 -7.18 -14.67
CA PHE A 167 1.93 -6.25 -14.99
C PHE A 167 2.07 -5.01 -14.19
N GLY A 168 2.35 -3.90 -14.85
CA GLY A 168 2.43 -2.61 -14.23
C GLY A 168 1.24 -1.70 -14.43
N GLN A 169 1.22 -0.70 -13.53
CA GLN A 169 0.16 0.32 -13.53
C GLN A 169 -1.24 -0.29 -13.41
N ILE A 170 -1.31 -1.29 -12.52
CA ILE A 170 -2.58 -1.97 -12.21
C ILE A 170 -3.04 -1.60 -10.80
N HIS A 171 -4.20 -0.95 -10.71
CA HIS A 171 -4.65 -0.38 -9.43
C HIS A 171 -5.99 -0.87 -8.97
N THR A 172 -6.94 -0.99 -9.90
CA THR A 172 -8.32 -1.20 -9.55
C THR A 172 -8.78 -2.64 -9.78
N ALA A 173 -9.96 -2.95 -9.26
CA ALA A 173 -10.56 -4.26 -9.54
C ALA A 173 -10.82 -4.45 -11.02
N LYS A 174 -11.26 -3.40 -11.74
CA LYS A 174 -11.51 -3.55 -13.18
C LYS A 174 -10.19 -3.84 -13.93
N GLU A 175 -9.10 -3.18 -13.52
CA GLU A 175 -7.81 -3.49 -14.11
C GLU A 175 -7.40 -4.89 -13.76
N GLY A 176 -7.66 -5.32 -12.52
CA GLY A 176 -7.37 -6.69 -12.15
C GLY A 176 -8.18 -7.70 -12.97
N GLN A 177 -9.44 -7.39 -13.28
CA GLN A 177 -10.22 -8.25 -14.17
C GLN A 177 -9.49 -8.45 -15.50
N ALA A 178 -8.91 -7.39 -16.06
CA ALA A 178 -8.22 -7.53 -17.31
C ALA A 178 -6.99 -8.43 -17.19
N VAL A 179 -6.25 -8.26 -16.11
CA VAL A 179 -5.10 -9.14 -15.86
C VAL A 179 -5.55 -10.60 -15.75
N GLY A 180 -6.58 -10.81 -14.96
CA GLY A 180 -7.04 -12.16 -14.73
C GLY A 180 -7.58 -12.78 -16.02
N LYS A 181 -8.25 -12.03 -16.87
CA LYS A 181 -8.73 -12.55 -18.13
C LYS A 181 -7.56 -13.02 -19.00
N GLN A 182 -6.51 -12.21 -19.00
CA GLN A 182 -5.30 -12.58 -19.79
C GLN A 182 -4.70 -13.87 -19.22
N LEU A 183 -4.54 -13.92 -17.88
CA LEU A 183 -3.95 -15.10 -17.27
C LEU A 183 -4.79 -16.35 -17.52
N ALA A 184 -6.10 -16.22 -17.43
CA ALA A 184 -6.99 -17.36 -17.66
C ALA A 184 -6.91 -17.86 -19.10
N SER A 185 -6.52 -16.98 -20.03
CA SER A 185 -6.46 -17.38 -21.41
C SER A 185 -5.27 -18.29 -21.74
N LEU A 186 -4.31 -18.34 -20.84
CA LEU A 186 -3.04 -19.02 -21.04
C LEU A 186 -3.15 -20.53 -20.95
N ALA A 187 -2.37 -21.18 -21.81
CA ALA A 187 -2.21 -22.61 -21.75
C ALA A 187 -1.62 -22.99 -20.40
N PRO A 188 -2.08 -24.17 -19.86
CA PRO A 188 -1.60 -24.48 -18.51
C PRO A 188 -0.11 -24.40 -18.29
N ASN A 189 0.69 -24.79 -19.28
CA ASN A 189 2.17 -24.81 -19.09
C ASN A 189 2.88 -23.43 -19.07
N VAL A 190 2.14 -22.36 -19.46
CA VAL A 190 2.72 -20.99 -19.34
C VAL A 190 1.90 -20.12 -18.37
N ARG A 191 0.83 -20.67 -17.84
CA ARG A 191 0.01 -20.03 -16.83
CA ARG A 191 0.04 -19.98 -16.84
C ARG A 191 0.83 -19.94 -15.52
N PRO A 192 0.75 -18.83 -14.75
CA PRO A 192 1.41 -18.82 -13.45
C PRO A 192 0.72 -19.74 -12.48
N ASP A 193 1.54 -20.21 -11.52
CA ASP A 193 1.06 -20.94 -10.33
C ASP A 193 0.45 -20.00 -9.28
N ALA A 194 0.97 -18.76 -9.25
CA ALA A 194 0.60 -17.81 -8.21
C ALA A 194 0.77 -16.42 -8.77
N VAL A 195 -0.06 -15.49 -8.22
CA VAL A 195 -0.07 -14.10 -8.64
C VAL A 195 0.08 -13.23 -7.37
N PHE A 196 1.10 -12.40 -7.35
CA PHE A 196 1.28 -11.41 -6.27
C PHE A 196 0.68 -10.10 -6.80
N THR A 197 -0.45 -9.71 -6.22
CA THR A 197 -1.25 -8.64 -6.81
C THR A 197 -0.93 -7.22 -6.36
N ASN A 198 -0.31 -7.11 -5.17
CA ASN A 198 -0.03 -5.82 -4.54
C ASN A 198 -1.25 -5.03 -4.10
N SER A 199 -2.43 -5.64 -4.13
CA SER A 199 -3.62 -4.88 -3.77
C SER A 199 -4.82 -5.82 -3.73
N ASP A 200 -5.62 -5.72 -2.63
CA ASP A 200 -6.84 -6.48 -2.54
C ASP A 200 -7.87 -6.07 -3.57
N GLU A 201 -7.89 -4.82 -3.99
CA GLU A 201 -8.76 -4.42 -5.11
C GLU A 201 -8.43 -5.21 -6.37
N VAL A 202 -7.14 -5.22 -6.70
CA VAL A 202 -6.68 -5.96 -7.88
C VAL A 202 -6.99 -7.43 -7.74
N ALA A 203 -6.73 -7.99 -6.55
CA ALA A 203 -6.96 -9.40 -6.33
C ALA A 203 -8.41 -9.81 -6.55
N VAL A 204 -9.38 -9.01 -6.08
CA VAL A 204 -10.78 -9.34 -6.30
C VAL A 204 -11.09 -9.43 -7.79
N GLY A 205 -10.55 -8.47 -8.58
CA GLY A 205 -10.79 -8.53 -9.98
C GLY A 205 -10.11 -9.69 -10.70
N VAL A 206 -8.88 -9.95 -10.34
CA VAL A 206 -8.15 -11.08 -10.91
C VAL A 206 -8.94 -12.36 -10.67
N ILE A 207 -9.32 -12.59 -9.40
CA ILE A 207 -10.01 -13.83 -9.04
C ILE A 207 -11.33 -13.94 -9.80
N ASP A 208 -12.08 -12.84 -9.92
CA ASP A 208 -13.31 -12.92 -10.61
C ASP A 208 -13.15 -13.42 -12.04
N SER A 209 -12.16 -12.88 -12.77
CA SER A 209 -11.94 -13.33 -14.12
C SER A 209 -11.44 -14.76 -14.21
N LEU A 210 -10.60 -15.19 -13.29
CA LEU A 210 -10.21 -16.59 -13.24
C LEU A 210 -11.40 -17.51 -13.09
N LEU A 211 -12.23 -17.20 -12.11
CA LEU A 211 -13.39 -18.05 -11.83
C LEU A 211 -14.36 -18.06 -13.03
N ALA A 212 -14.52 -16.91 -13.69
CA ALA A 212 -15.38 -16.85 -14.86
C ALA A 212 -14.95 -17.79 -16.00
N ALA A 213 -13.66 -18.09 -16.02
CA ALA A 213 -13.03 -18.97 -17.03
C ALA A 213 -12.78 -20.38 -16.52
N ASP A 214 -13.43 -20.69 -15.40
CA ASP A 214 -13.30 -22.04 -14.76
C ASP A 214 -11.85 -22.38 -14.38
N VAL A 215 -11.07 -21.35 -14.04
CA VAL A 215 -9.75 -21.58 -13.52
C VAL A 215 -9.95 -21.63 -11.99
N LYS A 216 -9.41 -22.64 -11.37
CA LYS A 216 -9.56 -22.87 -9.98
C LYS A 216 -8.60 -22.01 -9.16
N VAL A 217 -9.18 -21.36 -8.12
CA VAL A 217 -8.36 -20.57 -7.19
C VAL A 217 -8.56 -21.15 -5.80
N PRO A 218 -7.51 -21.63 -5.13
CA PRO A 218 -6.10 -21.53 -5.50
C PRO A 218 -5.48 -22.67 -6.28
N ASP A 219 -6.27 -23.71 -6.57
CA ASP A 219 -5.67 -24.97 -7.07
C ASP A 219 -4.88 -24.80 -8.38
N ASP A 220 -5.47 -24.04 -9.30
CA ASP A 220 -4.83 -23.79 -10.57
C ASP A 220 -3.91 -22.54 -10.46
N ILE A 221 -4.46 -21.45 -9.90
CA ILE A 221 -3.68 -20.24 -9.70
C ILE A 221 -4.03 -19.70 -8.33
N ALA A 222 -3.02 -19.55 -7.48
CA ALA A 222 -3.14 -18.92 -6.15
C ALA A 222 -3.00 -17.41 -6.31
N VAL A 223 -3.82 -16.67 -5.58
CA VAL A 223 -3.85 -15.21 -5.67
C VAL A 223 -3.60 -14.59 -4.32
N GLY A 225 -3.34 -11.24 -2.12
CA GLY A 225 -3.75 -9.85 -1.98
C GLY A 225 -2.70 -8.99 -1.33
N TYR A 226 -3.05 -7.71 -1.11
CA TYR A 226 -2.25 -6.90 -0.21
C TYR A 226 -3.15 -5.87 0.43
N ASP A 227 -3.07 -5.77 1.75
CA ASP A 227 -3.62 -4.71 2.64
C ASP A 227 -4.53 -5.30 3.73
N ASP A 228 -5.31 -6.31 3.41
CA ASP A 228 -6.42 -6.78 4.26
C ASP A 228 -7.48 -5.67 4.40
N GLN A 229 -8.00 -5.27 3.27
CA GLN A 229 -9.04 -4.29 3.19
C GLN A 229 -10.37 -4.83 3.75
N PRO A 230 -11.34 -3.94 4.01
CA PRO A 230 -12.58 -4.40 4.64
C PRO A 230 -13.28 -5.55 3.92
N PHE A 231 -13.28 -5.54 2.60
CA PHE A 231 -13.95 -6.57 1.82
C PHE A 231 -13.15 -7.90 1.72
N ALA A 232 -11.89 -7.88 2.09
CA ALA A 232 -11.04 -9.07 1.89
C ALA A 232 -11.63 -10.38 2.44
N PRO A 233 -12.10 -10.40 3.71
CA PRO A 233 -12.69 -11.66 4.23
C PRO A 233 -13.98 -12.07 3.60
N PHE A 234 -14.64 -11.10 2.93
CA PHE A 234 -15.93 -11.27 2.30
C PHE A 234 -15.87 -11.60 0.84
N ALA A 235 -14.66 -11.68 0.29
CA ALA A 235 -14.53 -11.93 -1.14
C ALA A 235 -15.03 -13.31 -1.53
N LYS A 236 -15.37 -13.48 -2.78
CA LYS A 236 -15.84 -14.77 -3.30
C LYS A 236 -14.97 -15.94 -2.90
N ILE A 237 -13.68 -15.75 -3.06
CA ILE A 237 -12.65 -16.61 -2.48
C ILE A 237 -11.93 -15.72 -1.44
N PRO A 238 -12.25 -15.89 -0.14
CA PRO A 238 -11.73 -14.99 0.89
C PRO A 238 -10.21 -14.82 0.74
N LEU A 239 -9.74 -13.55 0.83
CA LEU A 239 -8.36 -13.28 0.41
C LEU A 239 -7.35 -13.64 1.40
N THR A 240 -6.33 -14.44 0.98
CA THR A 240 -5.06 -14.48 1.61
C THR A 240 -4.31 -13.20 1.20
N THR A 241 -3.75 -12.49 2.19
CA THR A 241 -3.29 -11.14 1.96
C THR A 241 -2.29 -10.73 3.03
N VAL A 242 -1.58 -9.63 2.77
CA VAL A 242 -0.73 -8.97 3.76
C VAL A 242 -1.54 -7.92 4.48
N HIS A 243 -1.69 -8.13 5.79
CA HIS A 243 -2.43 -7.23 6.61
C HIS A 243 -1.63 -6.02 7.07
N GLN A 244 -2.17 -4.86 6.71
CA GLN A 244 -1.60 -3.59 7.19
C GLN A 244 -2.36 -3.15 8.44
N PRO A 245 -1.62 -2.65 9.43
CA PRO A 245 -2.23 -2.26 10.73
C PRO A 245 -2.77 -0.83 10.66
N VAL A 246 -3.88 -0.70 9.95
CA VAL A 246 -4.44 0.61 9.65
C VAL A 246 -4.70 1.41 10.93
N ALA A 247 -5.40 0.82 11.91
CA ALA A 247 -5.75 1.56 13.10
C ALA A 247 -4.50 2.00 13.89
N SER A 248 -3.53 1.12 13.98
CA SER A 248 -2.30 1.40 14.73
C SER A 248 -1.47 2.47 14.04
N ALA A 250 -2.57 4.72 11.97
CA ALA A 250 -3.32 5.98 12.08
C ALA A 250 -3.07 6.65 13.45
N ALA A 251 -3.13 5.86 14.51
CA ALA A 251 -2.93 6.39 15.84
C ALA A 251 -1.54 6.94 16.02
N ALA A 252 -0.56 6.24 15.43
CA ALA A 252 0.82 6.68 15.49
C ALA A 252 1.02 8.00 14.73
N ALA A 253 0.48 8.06 13.51
CA ALA A 253 0.61 9.28 12.73
C ALA A 253 -0.05 10.50 13.42
N THR A 254 -1.24 10.23 13.93
CA THR A 254 -2.00 11.24 14.62
C THR A 254 -1.25 11.79 15.84
N HIS A 255 -0.73 10.87 16.63
CA HIS A 255 0.07 11.26 17.77
C HIS A 255 1.31 12.08 17.39
N GLU A 256 2.01 11.65 16.32
CA GLU A 256 3.19 12.42 15.96
C GLU A 256 2.82 13.83 15.47
N LEU A 257 1.67 13.97 14.80
CA LEU A 257 1.22 15.29 14.44
C LEU A 257 0.87 16.12 15.65
N LEU A 258 0.04 15.54 16.53
CA LEU A 258 -0.40 16.28 17.69
C LEU A 258 0.79 16.71 18.61
N LYS A 259 1.79 15.85 18.69
CA LYS A 259 3.00 16.19 19.46
C LYS A 259 3.69 17.41 18.82
N GLY A 260 3.82 17.37 17.50
CA GLY A 260 4.44 18.43 16.75
C GLY A 260 3.70 19.76 16.83
N LEU A 261 2.39 19.67 16.97
CA LEU A 261 1.54 20.83 17.09
C LEU A 261 1.50 21.40 18.54
N GLY A 262 2.09 20.65 19.47
CA GLY A 262 2.14 21.08 20.90
C GLY A 262 0.92 20.72 21.68
N ARG A 263 0.08 19.98 20.99
CA ARG A 263 -1.04 19.38 21.65
CA ARG A 263 -1.07 19.33 21.61
C ARG A 263 -1.03 18.21 22.75
N GLN A 264 -0.09 17.35 22.32
CA GLN A 264 0.13 16.13 23.10
C GLN A 264 1.52 16.10 23.63
N VAL A 265 1.65 15.46 24.83
CA VAL A 265 2.95 15.13 25.47
CA VAL A 265 2.97 15.14 25.43
C VAL A 265 3.60 13.91 24.78
N ALA A 266 4.93 13.83 24.83
CA ALA A 266 5.66 12.68 24.37
C ALA A 266 5.25 11.48 25.20
N GLN A 267 5.28 10.33 24.55
CA GLN A 267 5.02 9.10 25.25
C GLN A 267 6.34 8.33 25.27
N ASP A 268 6.51 7.50 26.28
CA ASP A 268 7.73 6.68 26.32
C ASP A 268 7.46 5.48 25.43
N THR A 269 6.26 4.93 25.58
CA THR A 269 5.71 3.88 24.70
C THR A 269 6.04 4.15 23.23
N GLN A 270 5.90 3.12 22.41
CA GLN A 270 6.21 3.25 20.99
C GLN A 270 5.83 1.97 20.29
N PRO A 271 4.51 1.58 20.34
CA PRO A 271 4.28 0.21 19.85
C PRO A 271 4.72 0.07 18.40
N THR A 272 5.31 -1.05 18.09
CA THR A 272 5.88 -1.28 16.73
C THR A 272 4.73 -1.64 15.77
N LEU A 273 4.77 -1.00 14.62
CA LEU A 273 3.79 -1.24 13.54
C LEU A 273 4.19 -2.47 12.71
N HIS A 274 3.39 -3.53 12.83
CA HIS A 274 3.65 -4.87 12.28
CA HIS A 274 3.70 -4.82 12.21
C HIS A 274 2.75 -5.13 11.07
N LEU A 275 3.39 -5.62 10.00
CA LEU A 275 2.67 -6.23 8.87
C LEU A 275 2.59 -7.71 9.19
N SER A 276 1.52 -8.35 8.80
CA SER A 276 1.28 -9.75 9.08
C SER A 276 0.62 -10.44 7.92
N LEU A 277 0.96 -11.69 7.71
CA LEU A 277 0.33 -12.47 6.67
C LEU A 277 -0.98 -13.05 7.21
N LYS A 278 -2.08 -12.80 6.49
CA LYS A 278 -3.40 -13.23 6.82
C LYS A 278 -3.79 -14.31 5.82
N ILE A 279 -3.85 -15.57 6.31
CA ILE A 279 -4.15 -16.72 5.43
C ILE A 279 -5.63 -17.00 5.43
N ARG A 280 -6.24 -16.99 4.27
CA ARG A 280 -7.62 -17.33 4.10
C ARG A 280 -7.73 -18.44 3.04
N GLN A 281 -8.41 -18.19 1.94
CA GLN A 281 -8.67 -19.22 0.95
CA GLN A 281 -8.68 -19.21 0.93
C GLN A 281 -8.00 -19.00 -0.44
N SER A 282 -7.67 -17.74 -0.78
CA SER A 282 -7.26 -17.51 -2.14
C SER A 282 -5.83 -17.93 -2.48
N ALA A 283 -5.03 -18.18 -1.44
CA ALA A 283 -3.68 -18.68 -1.55
C ALA A 283 -3.32 -19.37 -0.23
#